data_2GQ0
#
_entry.id   2GQ0
#
_cell.length_a   31.567
_cell.length_b   149.167
_cell.length_c   60.224
_cell.angle_alpha   90.00
_cell.angle_beta   99.01
_cell.angle_gamma   90.00
#
_symmetry.space_group_name_H-M   'P 1 21 1'
#
loop_
_entity.id
_entity.type
_entity.pdbx_description
1 polymer 'Chaperone protein htpG'
2 water water
#
_entity_poly.entity_id   1
_entity_poly.type   'polypeptide(L)'
_entity_poly.pdbx_seq_one_letter_code
;MAQALWTRNKSEITDEEYKEFYKHIAHDFNDPLTWSHNRVEGKQEYTSLLYIPSQAPWDMWNRDHKHGLKLYVQRVFIMD
DAEQFMPNYLRFVRGLIDSSDLPLNVSREILQDSTVTRNLRNALTKRVLQMLEKLAKDDAEKYQTFWQQFGLVLKEGPAE
DFANQEAIAKLLRFASTHTDSSAQTVSLEDYVSRMKEGQEKIYYITADSYAAAKSSPHLELLRKKGIEVLLLSDRIDEWM
MNYLTEFDGKPFQSVSKVDESLEKLADGDLGTLVPRGSMAISDPNSSSVDKLAAALEHHHHHH
;
_entity_poly.pdbx_strand_id   A,B
#
# COMPACT_ATOMS: atom_id res chain seq x y z
N ALA A 2 49.33 -14.36 -6.16
CA ALA A 2 48.47 -14.55 -4.98
C ALA A 2 48.56 -13.28 -4.12
N GLN A 3 48.42 -12.12 -4.78
CA GLN A 3 48.34 -10.84 -4.07
C GLN A 3 47.05 -10.83 -3.26
N ALA A 4 47.17 -10.48 -1.99
CA ALA A 4 46.04 -10.42 -1.07
C ALA A 4 44.96 -9.51 -1.66
N LEU A 5 43.80 -10.07 -2.00
CA LEU A 5 42.81 -9.33 -2.76
C LEU A 5 42.39 -8.05 -2.05
N TRP A 6 42.24 -8.12 -0.73
CA TRP A 6 41.67 -7.02 0.04
C TRP A 6 42.59 -5.80 0.11
N THR A 7 43.87 -6.00 -0.22
CA THR A 7 44.87 -4.93 -0.24
C THR A 7 44.94 -4.19 -1.57
N ARG A 8 44.27 -4.71 -2.60
CA ARG A 8 44.26 -4.05 -3.90
C ARG A 8 43.22 -2.94 -3.92
N ASN A 9 43.35 -2.03 -4.89
CA ASN A 9 42.42 -0.93 -5.02
C ASN A 9 41.09 -1.40 -5.58
N LYS A 10 40.05 -0.98 -4.86
CA LYS A 10 38.65 -1.27 -5.12
C LYS A 10 38.33 -1.20 -6.60
N SER A 11 38.67 -0.06 -7.21
CA SER A 11 38.44 0.19 -8.62
C SER A 11 39.17 -0.79 -9.56
N GLU A 12 40.15 -1.52 -9.04
CA GLU A 12 40.95 -2.44 -9.86
C GLU A 12 40.59 -3.92 -9.68
N ILE A 13 39.54 -4.21 -8.90
CA ILE A 13 39.13 -5.57 -8.66
C ILE A 13 37.81 -5.79 -9.38
N THR A 14 37.75 -6.83 -10.20
CA THR A 14 36.54 -7.11 -10.96
C THR A 14 35.52 -7.81 -10.07
N ASP A 15 34.27 -7.78 -10.49
CA ASP A 15 33.22 -8.46 -9.76
C ASP A 15 33.48 -9.97 -9.70
N GLU A 16 34.05 -10.52 -10.76
CA GLU A 16 34.31 -11.94 -10.74
C GLU A 16 35.45 -12.28 -9.77
N GLU A 17 36.41 -11.38 -9.61
CA GLU A 17 37.48 -11.65 -8.64
C GLU A 17 36.91 -11.64 -7.20
N TYR A 18 35.98 -10.72 -6.93
CA TYR A 18 35.34 -10.64 -5.60
C TYR A 18 34.54 -11.91 -5.30
N LYS A 19 33.79 -12.40 -6.29
CA LYS A 19 32.98 -13.62 -6.10
C LYS A 19 33.85 -14.87 -5.94
N GLU A 20 34.94 -14.94 -6.69
CA GLU A 20 35.84 -16.05 -6.53
C GLU A 20 36.55 -16.03 -5.18
N PHE A 21 36.92 -14.84 -4.71
CA PHE A 21 37.55 -14.70 -3.41
C PHE A 21 36.61 -15.12 -2.25
N TYR A 22 35.32 -14.75 -2.32
CA TYR A 22 34.30 -15.28 -1.42
C TYR A 22 34.33 -16.80 -1.37
N LYS A 23 34.26 -17.44 -2.53
CA LYS A 23 34.18 -18.90 -2.59
C LYS A 23 35.43 -19.52 -1.95
N HIS A 24 36.55 -18.89 -2.22
CA HIS A 24 37.87 -19.20 -1.64
C HIS A 24 37.86 -19.13 -0.10
N ILE A 25 37.48 -18.00 0.48
CA ILE A 25 37.56 -17.82 1.94
C ILE A 25 36.44 -18.49 2.74
N ALA A 26 35.30 -18.78 2.11
CA ALA A 26 34.11 -19.27 2.81
C ALA A 26 33.85 -20.74 2.58
N HIS A 27 34.60 -21.37 1.68
CA HIS A 27 34.35 -22.79 1.30
C HIS A 27 32.90 -22.94 0.84
N ASP A 28 32.54 -22.19 -0.18
CA ASP A 28 31.13 -22.13 -0.63
C ASP A 28 31.20 -22.04 -2.13
N PHE A 29 30.45 -22.85 -2.84
CA PHE A 29 30.56 -22.77 -4.29
C PHE A 29 29.54 -21.87 -4.94
N ASN A 30 28.61 -21.32 -4.14
CA ASN A 30 27.66 -20.37 -4.65
C ASN A 30 28.25 -18.97 -4.56
N ASP A 31 28.00 -18.16 -5.58
CA ASP A 31 28.43 -16.75 -5.58
C ASP A 31 27.77 -16.01 -4.44
N PRO A 32 28.44 -14.98 -3.91
CA PRO A 32 27.81 -14.16 -2.87
C PRO A 32 26.79 -13.24 -3.53
N LEU A 33 25.82 -12.76 -2.76
CA LEU A 33 24.85 -11.81 -3.33
C LEU A 33 25.42 -10.40 -3.48
N THR A 34 26.22 -9.98 -2.51
CA THR A 34 26.86 -8.68 -2.50
C THR A 34 28.04 -8.68 -1.52
N TRP A 35 28.81 -7.61 -1.56
CA TRP A 35 29.98 -7.45 -0.71
C TRP A 35 30.21 -5.98 -0.53
N SER A 36 31.04 -5.67 0.45
CA SER A 36 31.48 -4.33 0.69
C SER A 36 32.94 -4.40 1.04
N HIS A 37 33.75 -3.61 0.31
CA HIS A 37 35.22 -3.54 0.50
C HIS A 37 35.58 -2.09 0.88
N ASN A 38 36.12 -1.92 2.08
CA ASN A 38 36.37 -0.59 2.61
C ASN A 38 37.69 -0.52 3.33
N ARG A 39 38.39 0.60 3.14
CA ARG A 39 39.61 0.90 3.86
C ARG A 39 39.27 2.11 4.74
N VAL A 40 39.64 2.04 6.02
CA VAL A 40 39.31 3.05 7.03
C VAL A 40 40.62 3.54 7.67
N GLU A 41 40.73 4.86 7.87
CA GLU A 41 41.92 5.48 8.45
C GLU A 41 41.56 6.44 9.59
N GLY A 42 42.52 6.68 10.49
CA GLY A 42 42.34 7.63 11.58
C GLY A 42 42.02 6.99 12.92
N LYS A 43 40.87 7.33 13.49
CA LYS A 43 40.50 6.88 14.83
C LYS A 43 40.66 5.36 14.90
N GLN A 44 40.10 4.67 13.93
CA GLN A 44 40.44 3.27 13.69
C GLN A 44 40.99 3.11 12.27
N GLU A 45 41.92 2.17 12.10
CA GLU A 45 42.58 1.95 10.85
C GLU A 45 42.54 0.44 10.52
N TYR A 46 41.84 0.11 9.44
CA TYR A 46 41.67 -1.26 9.02
C TYR A 46 41.11 -1.35 7.62
N THR A 47 41.16 -2.54 7.03
CA THR A 47 40.43 -2.85 5.81
C THR A 47 39.43 -3.94 6.16
N SER A 48 38.22 -3.81 5.64
CA SER A 48 37.20 -4.83 5.79
C SER A 48 36.72 -5.28 4.42
N LEU A 49 36.43 -6.58 4.29
CA LEU A 49 35.79 -7.11 3.11
C LEU A 49 34.74 -8.08 3.54
N LEU A 50 33.48 -7.70 3.34
CA LEU A 50 32.36 -8.38 3.95
C LEU A 50 31.43 -8.90 2.90
N TYR A 51 30.93 -10.12 3.05
CA TYR A 51 30.10 -10.76 2.04
C TYR A 51 28.77 -11.25 2.59
N ILE A 52 27.73 -11.14 1.76
CA ILE A 52 26.45 -11.79 2.00
C ILE A 52 26.36 -13.03 1.14
N PRO A 53 26.26 -14.22 1.77
CA PRO A 53 26.05 -15.43 0.96
C PRO A 53 24.69 -15.49 0.24
N SER A 54 24.63 -16.28 -0.83
CA SER A 54 23.38 -16.52 -1.53
C SER A 54 22.60 -17.68 -0.94
N GLN A 55 23.26 -18.49 -0.11
CA GLN A 55 22.62 -19.63 0.55
C GLN A 55 23.08 -19.73 2.00
N ALA A 56 22.17 -20.08 2.90
CA ALA A 56 22.48 -20.32 4.30
C ALA A 56 23.50 -21.43 4.42
N PRO A 57 24.49 -21.29 5.31
CA PRO A 57 25.39 -22.43 5.52
C PRO A 57 24.74 -23.61 6.26
N TRP A 58 25.31 -24.79 6.04
CA TRP A 58 24.74 -26.03 6.54
C TRP A 58 24.56 -26.02 8.06
N ASP A 59 25.53 -25.44 8.77
CA ASP A 59 25.52 -25.49 10.25
C ASP A 59 24.88 -24.27 10.91
N MET A 60 24.17 -23.45 10.13
CA MET A 60 23.70 -22.15 10.63
C MET A 60 22.84 -22.23 11.88
N TRP A 61 22.00 -23.26 11.97
CA TRP A 61 21.06 -23.38 13.10
C TRP A 61 21.63 -24.19 14.29
N ASN A 62 22.83 -24.70 14.12
CA ASN A 62 23.61 -25.32 15.20
C ASN A 62 24.28 -24.25 15.99
N ARG A 63 24.04 -24.26 17.28
CA ARG A 63 24.72 -23.37 18.19
C ARG A 63 26.25 -23.34 17.95
N ASP A 64 26.84 -24.51 17.71
CA ASP A 64 28.29 -24.65 17.62
C ASP A 64 28.87 -24.55 16.20
N HIS A 65 28.05 -24.12 15.24
CA HIS A 65 28.45 -23.47 13.97
C HIS A 65 29.70 -22.59 14.16
N LYS A 66 30.82 -22.92 13.52
CA LYS A 66 31.95 -21.99 13.51
C LYS A 66 31.64 -20.94 12.48
N HIS A 67 31.55 -19.69 12.92
CA HIS A 67 31.23 -18.60 12.04
C HIS A 67 32.08 -17.42 12.40
N GLY A 68 31.96 -16.37 11.60
CA GLY A 68 32.64 -15.10 11.87
C GLY A 68 33.60 -14.72 10.75
N LEU A 69 34.49 -13.79 11.04
CA LEU A 69 35.39 -13.22 10.06
C LEU A 69 36.80 -13.76 10.21
N LYS A 70 37.55 -13.67 9.11
CA LYS A 70 38.99 -13.97 9.15
C LYS A 70 39.71 -12.71 9.68
N LEU A 71 40.52 -12.86 10.73
CA LEU A 71 41.21 -11.70 11.32
C LEU A 71 42.70 -11.68 10.94
N TYR A 72 43.14 -10.53 10.44
CA TYR A 72 44.53 -10.22 10.14
C TYR A 72 44.88 -8.98 10.89
N VAL A 73 46.14 -8.92 11.34
CA VAL A 73 46.73 -7.70 11.93
C VAL A 73 47.94 -7.34 11.11
N GLN A 74 47.86 -6.20 10.44
CA GLN A 74 48.91 -5.69 9.56
C GLN A 74 49.32 -6.74 8.54
N ARG A 75 48.33 -7.31 7.86
CA ARG A 75 48.52 -8.37 6.88
C ARG A 75 48.88 -9.74 7.40
N VAL A 76 49.03 -9.90 8.72
CA VAL A 76 49.40 -11.17 9.33
C VAL A 76 48.15 -11.90 9.87
N PHE A 77 47.96 -13.14 9.43
CA PHE A 77 46.81 -13.95 9.81
C PHE A 77 46.84 -14.29 11.31
N ILE A 78 45.74 -13.99 12.01
CA ILE A 78 45.61 -14.31 13.44
C ILE A 78 44.70 -15.51 13.65
N MET A 79 43.48 -15.44 13.14
CA MET A 79 42.53 -16.54 13.30
C MET A 79 41.42 -16.44 12.29
N ASP A 80 40.76 -17.58 12.05
CA ASP A 80 39.53 -17.60 11.26
C ASP A 80 38.37 -17.67 12.22
N ASP A 81 37.16 -17.53 11.68
CA ASP A 81 35.94 -17.76 12.46
C ASP A 81 36.00 -17.00 13.77
N ALA A 82 36.32 -15.71 13.65
CA ALA A 82 36.37 -14.79 14.76
C ALA A 82 35.00 -14.16 14.90
N GLU A 83 34.26 -14.61 15.90
CA GLU A 83 32.87 -14.23 16.09
C GLU A 83 32.72 -12.87 16.73
N GLN A 84 33.82 -12.26 17.19
CA GLN A 84 33.75 -11.04 17.97
C GLN A 84 33.41 -9.80 17.14
N PHE A 85 33.35 -9.92 15.83
CA PHE A 85 33.20 -8.74 15.02
C PHE A 85 31.82 -8.51 14.48
N MET A 86 30.89 -9.42 14.77
CA MET A 86 29.49 -9.30 14.30
C MET A 86 28.51 -9.63 15.41
N PRO A 87 27.35 -8.98 15.42
CA PRO A 87 26.31 -9.44 16.36
C PRO A 87 25.78 -10.79 15.91
N ASN A 88 25.06 -11.48 16.80
CA ASN A 88 24.59 -12.81 16.49
C ASN A 88 23.58 -12.86 15.34
N TYR A 89 22.78 -11.80 15.20
CA TYR A 89 21.80 -11.68 14.10
C TYR A 89 22.42 -11.44 12.73
N LEU A 90 23.73 -11.20 12.70
CA LEU A 90 24.49 -11.09 11.45
C LEU A 90 25.53 -12.21 11.31
N ARG A 91 25.27 -13.34 11.98
CA ARG A 91 26.25 -14.43 12.03
C ARG A 91 26.47 -15.11 10.68
N PHE A 92 25.63 -14.83 9.69
CA PHE A 92 25.80 -15.33 8.31
C PHE A 92 26.84 -14.57 7.47
N VAL A 93 27.25 -13.39 7.91
CA VAL A 93 28.21 -12.55 7.18
C VAL A 93 29.57 -13.27 7.18
N ARG A 94 30.20 -13.26 6.02
CA ARG A 94 31.52 -13.86 5.85
C ARG A 94 32.45 -12.79 5.34
N GLY A 95 33.75 -12.95 5.59
CA GLY A 95 34.70 -11.95 5.13
C GLY A 95 35.88 -11.83 6.03
N LEU A 96 36.51 -10.66 6.03
CA LEU A 96 37.72 -10.47 6.76
C LEU A 96 37.88 -9.01 7.19
N ILE A 97 38.68 -8.88 8.23
CA ILE A 97 39.05 -7.61 8.80
C ILE A 97 40.56 -7.66 8.92
N ASP A 98 41.25 -6.69 8.33
CA ASP A 98 42.69 -6.54 8.52
C ASP A 98 42.96 -5.26 9.30
N SER A 99 43.30 -5.40 10.59
CA SER A 99 43.36 -4.28 11.51
C SER A 99 44.78 -3.77 11.75
N SER A 100 44.93 -2.45 11.87
CA SER A 100 46.18 -1.84 12.38
C SER A 100 46.13 -1.40 13.87
N ASP A 101 44.96 -1.48 14.50
CA ASP A 101 44.81 -1.05 15.90
C ASP A 101 45.11 -2.16 16.90
N LEU A 102 44.81 -3.40 16.53
CA LEU A 102 45.00 -4.52 17.42
C LEU A 102 46.47 -4.93 17.41
N PRO A 103 46.97 -5.43 18.56
CA PRO A 103 48.37 -5.81 18.62
C PRO A 103 48.57 -7.15 17.93
N LEU A 104 49.77 -7.40 17.41
CA LEU A 104 50.06 -8.64 16.70
C LEU A 104 49.82 -9.88 17.57
N ASN A 105 50.05 -9.75 18.86
CA ASN A 105 49.77 -10.82 19.81
C ASN A 105 48.33 -10.79 20.37
N VAL A 106 47.39 -10.21 19.63
CA VAL A 106 46.02 -10.15 20.08
C VAL A 106 45.51 -11.57 20.41
N SER A 107 44.73 -11.66 21.48
CA SER A 107 44.17 -12.91 21.98
C SER A 107 42.68 -12.72 22.16
N ARG A 108 41.94 -13.80 22.32
CA ARG A 108 40.50 -13.74 22.56
C ARG A 108 40.17 -12.98 23.85
N GLU A 109 41.05 -13.15 24.84
CA GLU A 109 41.05 -12.34 26.06
C GLU A 109 41.16 -10.85 25.75
N ILE A 110 42.15 -10.46 24.95
CA ILE A 110 42.30 -9.05 24.56
C ILE A 110 41.09 -8.58 23.75
N LEU A 111 40.54 -9.47 22.94
CA LEU A 111 39.41 -9.14 22.08
C LEU A 111 38.21 -8.68 22.92
N GLN A 112 37.80 -9.49 23.90
CA GLN A 112 36.64 -9.12 24.70
C GLN A 112 36.91 -7.92 25.62
N ASP A 113 38.15 -7.74 26.06
CA ASP A 113 38.49 -6.62 26.96
C ASP A 113 38.67 -5.27 26.26
N SER A 114 38.91 -5.29 24.95
CA SER A 114 39.21 -4.08 24.20
C SER A 114 37.96 -3.31 23.76
N THR A 115 38.05 -1.99 23.89
CA THR A 115 37.05 -1.07 23.37
C THR A 115 37.22 -0.99 21.84
N VAL A 116 38.40 -1.34 21.35
CA VAL A 116 38.63 -1.44 19.91
C VAL A 116 37.65 -2.42 19.27
N THR A 117 37.50 -3.61 19.84
CA THR A 117 36.64 -4.63 19.21
C THR A 117 35.18 -4.23 19.18
N ARG A 118 34.68 -3.66 20.28
CA ARG A 118 33.27 -3.26 20.36
C ARG A 118 32.97 -2.19 19.33
N ASN A 119 33.88 -1.23 19.18
CA ASN A 119 33.68 -0.17 18.21
C ASN A 119 33.78 -0.70 16.80
N LEU A 120 34.71 -1.62 16.58
CA LEU A 120 34.87 -2.23 15.28
C LEU A 120 33.64 -3.06 14.93
N ARG A 121 33.18 -3.88 15.86
CA ARG A 121 31.93 -4.63 15.67
C ARG A 121 30.77 -3.71 15.33
N ASN A 122 30.67 -2.55 15.98
CA ASN A 122 29.53 -1.72 15.67
C ASN A 122 29.61 -1.03 14.33
N ALA A 123 30.84 -0.70 13.91
CA ALA A 123 31.10 -0.08 12.62
C ALA A 123 30.84 -1.10 11.51
N LEU A 124 31.35 -2.31 11.69
CA LEU A 124 31.13 -3.39 10.72
C LEU A 124 29.63 -3.74 10.62
N THR A 125 28.92 -3.70 11.75
CA THR A 125 27.47 -3.89 11.75
C THR A 125 26.80 -2.89 10.83
N LYS A 126 27.09 -1.60 11.01
CA LYS A 126 26.53 -0.55 10.16
C LYS A 126 26.89 -0.71 8.67
N ARG A 127 28.12 -1.16 8.41
CA ARG A 127 28.51 -1.48 7.06
C ARG A 127 27.65 -2.60 6.44
N VAL A 128 27.30 -3.60 7.25
CA VAL A 128 26.46 -4.69 6.74
C VAL A 128 25.05 -4.21 6.48
N LEU A 129 24.51 -3.43 7.40
CA LEU A 129 23.16 -2.91 7.21
C LEU A 129 23.07 -2.02 5.97
N GLN A 130 24.10 -1.21 5.74
CA GLN A 130 24.24 -0.33 4.55
C GLN A 130 24.25 -1.16 3.28
N MET A 131 25.07 -2.23 3.29
CA MET A 131 25.15 -3.16 2.16
C MET A 131 23.80 -3.82 1.83
N LEU A 132 23.07 -4.24 2.86
CA LEU A 132 21.76 -4.89 2.68
C LEU A 132 20.69 -3.92 2.19
N GLU A 133 20.76 -2.68 2.68
CA GLU A 133 19.85 -1.62 2.26
C GLU A 133 20.07 -1.32 0.79
N LYS A 134 21.35 -1.20 0.38
CA LYS A 134 21.72 -1.04 -1.04
C LYS A 134 21.21 -2.20 -1.94
N LEU A 135 21.35 -3.44 -1.46
CA LEU A 135 20.83 -4.62 -2.18
C LEU A 135 19.32 -4.55 -2.37
N ALA A 136 18.62 -4.22 -1.28
CA ALA A 136 17.15 -4.11 -1.29
C ALA A 136 16.67 -3.08 -2.33
N LYS A 137 17.45 -2.01 -2.51
CA LYS A 137 17.11 -0.94 -3.47
C LYS A 137 17.53 -1.30 -4.89
N ASP A 138 18.72 -1.88 -5.04
CA ASP A 138 19.34 -2.09 -6.34
C ASP A 138 18.92 -3.37 -7.01
N ASP A 139 18.66 -4.41 -6.23
CA ASP A 139 18.34 -5.70 -6.81
C ASP A 139 17.32 -6.46 -5.98
N ALA A 140 16.05 -6.26 -6.28
CA ALA A 140 14.98 -6.85 -5.51
C ALA A 140 14.95 -8.37 -5.57
N GLU A 141 15.29 -8.94 -6.72
CA GLU A 141 15.25 -10.39 -6.88
C GLU A 141 16.29 -11.03 -5.95
N LYS A 142 17.50 -10.48 -5.93
CA LYS A 142 18.55 -10.91 -5.01
C LYS A 142 18.20 -10.61 -3.54
N TYR A 143 17.56 -9.48 -3.26
CA TYR A 143 17.12 -9.22 -1.88
C TYR A 143 16.08 -10.27 -1.44
N GLN A 144 15.14 -10.64 -2.30
CA GLN A 144 14.19 -11.68 -1.93
C GLN A 144 14.90 -13.02 -1.63
N THR A 145 15.96 -13.34 -2.37
CA THR A 145 16.75 -14.55 -2.07
C THR A 145 17.39 -14.43 -0.69
N PHE A 146 17.97 -13.27 -0.41
CA PHE A 146 18.51 -12.96 0.90
C PHE A 146 17.50 -13.17 1.98
N TRP A 147 16.34 -12.54 1.82
CA TRP A 147 15.28 -12.68 2.81
C TRP A 147 14.84 -14.14 3.01
N GLN A 148 14.70 -14.90 1.95
CA GLN A 148 14.32 -16.31 2.08
C GLN A 148 15.32 -17.16 2.85
N GLN A 149 16.60 -16.86 2.68
CA GLN A 149 17.67 -17.63 3.29
C GLN A 149 17.94 -17.19 4.73
N PHE A 150 17.86 -15.89 4.99
CA PHE A 150 18.36 -15.33 6.24
C PHE A 150 17.36 -14.51 7.05
N GLY A 151 16.14 -14.30 6.56
CA GLY A 151 15.16 -13.44 7.27
C GLY A 151 14.94 -13.85 8.72
N LEU A 152 14.88 -15.16 8.98
CA LEU A 152 14.61 -15.65 10.32
C LEU A 152 15.74 -15.29 11.29
N VAL A 153 16.97 -15.23 10.77
CA VAL A 153 18.10 -14.83 11.58
C VAL A 153 18.04 -13.33 11.85
N LEU A 154 17.75 -12.55 10.81
CA LEU A 154 17.64 -11.09 10.93
C LEU A 154 16.54 -10.65 11.92
N LYS A 155 15.51 -11.46 12.07
CA LYS A 155 14.41 -11.18 13.00
C LYS A 155 14.83 -11.28 14.48
N GLU A 156 16.02 -11.79 14.72
CA GLU A 156 16.65 -11.70 16.03
C GLU A 156 17.19 -10.27 16.34
N GLY A 157 17.33 -9.45 15.31
CA GLY A 157 17.99 -8.16 15.43
C GLY A 157 17.28 -7.14 16.31
N PRO A 158 15.96 -6.99 16.14
CA PRO A 158 15.18 -6.03 16.96
C PRO A 158 15.40 -6.17 18.46
N ALA A 159 15.55 -7.39 18.96
CA ALA A 159 15.86 -7.60 20.40
C ALA A 159 17.34 -7.44 20.70
N GLU A 160 18.23 -7.78 19.77
CA GLU A 160 19.66 -7.75 20.04
C GLU A 160 20.28 -6.34 19.95
N ASP A 161 19.75 -5.50 19.07
CA ASP A 161 20.45 -4.29 18.66
C ASP A 161 19.55 -3.05 18.62
N PHE A 162 19.28 -2.44 19.78
CA PHE A 162 18.44 -1.21 19.80
C PHE A 162 19.00 -0.08 18.96
N ALA A 163 20.32 0.09 18.98
CA ALA A 163 20.96 1.19 18.24
C ALA A 163 20.55 1.25 16.76
N ASN A 164 20.46 0.08 16.12
CA ASN A 164 20.18 -0.02 14.69
C ASN A 164 18.75 -0.49 14.42
N GLN A 165 17.84 -0.28 15.37
CA GLN A 165 16.51 -0.89 15.23
C GLN A 165 15.79 -0.40 13.98
N GLU A 166 15.89 0.90 13.68
CA GLU A 166 15.30 1.48 12.47
C GLU A 166 15.88 0.82 11.21
N ALA A 167 17.21 0.80 11.12
CA ALA A 167 17.88 0.21 9.97
C ALA A 167 17.50 -1.26 9.82
N ILE A 168 17.49 -1.97 10.94
CA ILE A 168 17.15 -3.39 10.91
C ILE A 168 15.70 -3.60 10.48
N ALA A 169 14.78 -2.87 11.10
CA ALA A 169 13.36 -2.97 10.75
C ALA A 169 13.09 -2.76 9.26
N LYS A 170 13.79 -1.80 8.67
CA LYS A 170 13.64 -1.51 7.24
C LYS A 170 14.08 -2.66 6.33
N LEU A 171 14.85 -3.61 6.85
CA LEU A 171 15.28 -4.77 6.08
C LEU A 171 14.29 -5.95 6.16
N LEU A 172 13.38 -5.92 7.11
CA LEU A 172 12.41 -6.99 7.31
C LEU A 172 11.37 -7.00 6.17
N ARG A 173 10.87 -8.18 5.87
CA ARG A 173 9.85 -8.37 4.84
C ARG A 173 8.77 -9.26 5.39
N PHE A 174 7.51 -8.99 4.99
CA PHE A 174 6.36 -9.64 5.55
C PHE A 174 5.35 -10.00 4.48
N ALA A 175 4.54 -11.00 4.75
CA ALA A 175 3.30 -11.17 4.01
C ALA A 175 2.27 -10.22 4.62
N SER A 176 1.28 -9.85 3.82
CA SER A 176 0.20 -9.00 4.32
C SER A 176 -1.09 -9.28 3.55
N THR A 177 -2.16 -8.69 4.05
CA THR A 177 -3.46 -8.75 3.38
C THR A 177 -3.56 -7.86 2.13
N HIS A 178 -2.56 -7.05 1.83
CA HIS A 178 -2.69 -6.12 0.73
C HIS A 178 -2.96 -6.82 -0.60
N THR A 179 -2.25 -7.89 -0.86
CA THR A 179 -2.63 -8.77 -1.95
C THR A 179 -2.75 -10.19 -1.40
N ASP A 180 -3.59 -10.99 -2.06
CA ASP A 180 -3.88 -12.36 -1.65
C ASP A 180 -2.74 -13.31 -1.96
N SER A 181 -1.69 -13.27 -1.15
CA SER A 181 -0.48 -14.02 -1.42
C SER A 181 0.32 -14.20 -0.15
N SER A 182 0.94 -15.36 0.01
CA SER A 182 1.75 -15.63 1.19
C SER A 182 3.21 -15.19 1.03
N ALA A 183 3.53 -14.55 -0.11
CA ALA A 183 4.89 -14.11 -0.38
C ALA A 183 5.27 -12.98 0.57
N GLN A 184 6.48 -13.05 1.13
CA GLN A 184 6.95 -12.07 2.10
C GLN A 184 7.72 -10.97 1.39
N THR A 185 6.93 -10.12 0.74
CA THR A 185 7.42 -9.07 -0.13
C THR A 185 7.19 -7.69 0.42
N VAL A 186 6.45 -7.58 1.51
CA VAL A 186 6.04 -6.26 2.01
C VAL A 186 7.06 -5.75 3.00
N SER A 187 7.58 -4.56 2.72
CA SER A 187 8.46 -3.82 3.62
C SER A 187 7.64 -2.92 4.51
N LEU A 188 8.20 -2.52 5.65
CA LEU A 188 7.49 -1.61 6.53
C LEU A 188 7.35 -0.22 5.86
N GLU A 189 8.33 0.18 5.07
CA GLU A 189 8.22 1.44 4.33
C GLU A 189 7.08 1.39 3.32
N ASP A 190 6.95 0.26 2.64
CA ASP A 190 5.82 -0.05 1.74
C ASP A 190 4.49 0.07 2.49
N TYR A 191 4.41 -0.56 3.66
CA TYR A 191 3.21 -0.55 4.47
C TYR A 191 2.85 0.88 4.80
N VAL A 192 3.83 1.62 5.29
CA VAL A 192 3.57 2.99 5.74
C VAL A 192 3.11 3.85 4.56
N SER A 193 3.75 3.66 3.40
CA SER A 193 3.39 4.44 2.19
C SER A 193 1.98 4.20 1.68
N ARG A 194 1.29 3.15 2.10
CA ARG A 194 -0.11 3.04 1.74
C ARG A 194 -1.09 3.02 2.92
N MET A 195 -0.65 3.56 4.05
CA MET A 195 -1.55 3.78 5.18
C MET A 195 -2.67 4.74 4.81
N LYS A 196 -3.88 4.38 5.23
CA LYS A 196 -5.06 5.14 4.89
C LYS A 196 -5.11 6.46 5.68
N GLU A 197 -5.77 7.46 5.09
CA GLU A 197 -6.01 8.69 5.87
C GLU A 197 -6.66 8.34 7.21
N GLY A 198 -6.11 8.89 8.29
CA GLY A 198 -6.59 8.59 9.63
C GLY A 198 -6.03 7.35 10.31
N GLN A 199 -5.30 6.50 9.58
CA GLN A 199 -4.71 5.30 10.17
C GLN A 199 -3.42 5.74 10.83
N GLU A 200 -3.24 5.38 12.10
CA GLU A 200 -2.04 5.76 12.85
C GLU A 200 -1.19 4.57 13.32
N LYS A 201 -1.72 3.36 13.21
CA LYS A 201 -0.96 2.16 13.63
C LYS A 201 -0.70 1.17 12.50
N ILE A 202 0.37 0.39 12.69
CA ILE A 202 0.71 -0.72 11.80
C ILE A 202 0.11 -1.95 12.42
N TYR A 203 -0.86 -2.54 11.72
CA TYR A 203 -1.63 -3.66 12.25
C TYR A 203 -0.99 -4.99 11.87
N TYR A 204 -0.99 -5.93 12.79
CA TYR A 204 -0.47 -7.26 12.51
C TYR A 204 -1.25 -8.32 13.26
N ILE A 205 -1.06 -9.54 12.81
CA ILE A 205 -1.52 -10.73 13.53
C ILE A 205 -0.42 -11.77 13.47
N THR A 206 -0.20 -12.46 14.58
CA THR A 206 0.67 -13.60 14.61
C THR A 206 -0.18 -14.86 14.73
N ALA A 207 0.22 -15.89 14.00
CA ALA A 207 -0.44 -17.20 14.01
C ALA A 207 0.60 -18.29 13.78
N ASP A 208 0.17 -19.54 13.88
CA ASP A 208 1.10 -20.67 13.73
C ASP A 208 1.37 -21.00 12.27
N SER A 209 0.58 -20.43 11.37
CA SER A 209 0.75 -20.60 9.95
C SER A 209 0.12 -19.44 9.20
N TYR A 210 0.53 -19.27 7.96
CA TYR A 210 -0.09 -18.31 7.04
C TYR A 210 -1.60 -18.52 6.89
N ALA A 211 -2.04 -19.75 6.67
CA ALA A 211 -3.47 -20.06 6.56
C ALA A 211 -4.23 -19.57 7.78
N ALA A 212 -3.68 -19.84 8.96
CA ALA A 212 -4.33 -19.49 10.23
C ALA A 212 -4.40 -18.00 10.36
N ALA A 213 -3.31 -17.35 9.99
CA ALA A 213 -3.25 -15.91 9.98
C ALA A 213 -4.30 -15.35 9.01
N LYS A 214 -4.23 -15.77 7.75
CA LYS A 214 -5.06 -15.23 6.67
C LYS A 214 -6.57 -15.37 6.96
N SER A 215 -6.94 -16.49 7.57
CA SER A 215 -8.36 -16.81 7.83
C SER A 215 -8.90 -16.39 9.22
N SER A 216 -8.11 -15.64 9.99
CA SER A 216 -8.54 -15.18 11.32
C SER A 216 -9.74 -14.22 11.23
N PRO A 217 -10.75 -14.39 12.11
CA PRO A 217 -11.92 -13.52 12.15
C PRO A 217 -11.61 -12.14 12.70
N HIS A 218 -10.44 -12.00 13.32
CA HIS A 218 -9.95 -10.69 13.75
C HIS A 218 -9.56 -9.78 12.57
N LEU A 219 -9.45 -10.36 11.38
CA LEU A 219 -9.18 -9.60 10.15
C LEU A 219 -10.43 -8.91 9.56
N GLU A 220 -11.63 -9.38 9.92
CA GLU A 220 -12.87 -8.89 9.28
C GLU A 220 -13.05 -7.40 9.42
N LEU A 221 -12.86 -6.90 10.63
CA LEU A 221 -12.94 -5.48 10.94
C LEU A 221 -11.99 -4.63 10.10
N LEU A 222 -10.70 -5.00 10.04
CA LEU A 222 -9.73 -4.20 9.26
C LEU A 222 -10.00 -4.29 7.74
N ARG A 223 -10.54 -5.42 7.30
CA ARG A 223 -10.95 -5.60 5.90
C ARG A 223 -12.14 -4.66 5.52
N LYS A 224 -12.96 -4.30 6.50
CA LYS A 224 -14.07 -3.31 6.32
C LYS A 224 -13.62 -1.86 6.33
N LYS A 225 -12.55 -1.59 7.04
CA LYS A 225 -11.94 -0.30 7.02
C LYS A 225 -10.93 -0.21 5.86
N GLY A 226 -10.70 -1.30 5.14
CA GLY A 226 -9.73 -1.30 4.05
C GLY A 226 -8.30 -1.10 4.52
N ILE A 227 -7.99 -1.67 5.69
CA ILE A 227 -6.66 -1.51 6.31
C ILE A 227 -5.81 -2.77 6.19
N GLU A 228 -4.56 -2.58 5.78
CA GLU A 228 -3.62 -3.66 5.60
C GLU A 228 -3.21 -4.25 6.97
N VAL A 229 -3.02 -5.56 7.00
CA VAL A 229 -2.59 -6.26 8.18
C VAL A 229 -1.42 -7.12 7.77
N LEU A 230 -0.32 -7.01 8.49
CA LEU A 230 0.80 -7.90 8.30
C LEU A 230 0.46 -9.29 8.89
N LEU A 231 0.79 -10.32 8.12
CA LEU A 231 0.49 -11.70 8.46
C LEU A 231 1.77 -12.40 8.89
N LEU A 232 1.96 -12.49 10.19
CA LEU A 232 3.20 -13.06 10.76
C LEU A 232 2.95 -14.51 11.16
N SER A 233 3.72 -15.43 10.60
CA SER A 233 3.50 -16.86 10.85
C SER A 233 4.75 -17.61 11.24
N ASP A 234 5.87 -16.93 11.47
CA ASP A 234 7.10 -17.61 11.88
C ASP A 234 7.18 -17.77 13.40
N ARG A 235 7.91 -18.77 13.87
CA ARG A 235 7.96 -19.08 15.31
C ARG A 235 8.51 -17.88 16.10
N ILE A 236 9.50 -17.21 15.53
CA ILE A 236 10.15 -16.10 16.18
C ILE A 236 9.25 -14.83 16.28
N ASP A 237 8.20 -14.75 15.46
CA ASP A 237 7.44 -13.50 15.30
C ASP A 237 6.78 -12.98 16.61
N GLU A 238 6.15 -13.84 17.41
CA GLU A 238 5.50 -13.32 18.63
C GLU A 238 6.55 -12.63 19.52
N TRP A 239 7.68 -13.29 19.67
CA TRP A 239 8.77 -12.76 20.45
C TRP A 239 9.34 -11.48 19.88
N MET A 240 9.52 -11.43 18.55
CA MET A 240 10.09 -10.25 17.92
C MET A 240 9.19 -9.04 18.16
N MET A 241 7.87 -9.28 18.19
CA MET A 241 6.94 -8.18 18.33
C MET A 241 6.90 -7.61 19.74
N ASN A 242 7.56 -8.28 20.67
CA ASN A 242 7.78 -7.70 22.00
C ASN A 242 8.82 -6.56 21.96
N TYR A 243 9.60 -6.51 20.88
CA TYR A 243 10.72 -5.55 20.71
C TYR A 243 10.50 -4.57 19.56
N LEU A 244 9.81 -4.99 18.53
CA LEU A 244 9.55 -4.15 17.37
C LEU A 244 8.20 -3.56 17.70
N THR A 245 8.18 -2.42 18.39
CA THR A 245 6.93 -1.85 18.91
C THR A 245 6.49 -0.53 18.21
N GLU A 246 7.40 0.08 17.46
CA GLU A 246 7.11 1.24 16.59
C GLU A 246 7.96 1.23 15.32
N PHE A 247 7.49 1.92 14.27
CA PHE A 247 8.25 2.16 13.03
C PHE A 247 7.85 3.50 12.38
N ASP A 248 8.82 4.34 12.10
CA ASP A 248 8.54 5.64 11.50
C ASP A 248 7.46 6.34 12.33
N GLY A 249 7.63 6.32 13.65
CA GLY A 249 6.69 6.93 14.57
C GLY A 249 5.30 6.32 14.64
N LYS A 250 5.11 5.14 14.03
CA LYS A 250 3.83 4.47 14.06
C LYS A 250 3.92 3.24 14.96
N PRO A 251 3.07 3.20 15.97
CA PRO A 251 3.01 2.00 16.78
C PRO A 251 2.43 0.80 16.02
N PHE A 252 2.93 -0.37 16.38
CA PHE A 252 2.36 -1.63 15.98
C PHE A 252 1.19 -1.99 16.87
N GLN A 253 0.18 -2.63 16.30
CA GLN A 253 -0.97 -3.07 17.04
C GLN A 253 -1.42 -4.43 16.56
N SER A 254 -1.48 -5.39 17.48
CA SER A 254 -2.09 -6.68 17.19
C SER A 254 -3.60 -6.48 16.93
N VAL A 255 -4.12 -7.12 15.89
CA VAL A 255 -5.56 -7.03 15.56
C VAL A 255 -6.44 -7.84 16.54
N SER A 256 -5.80 -8.74 17.26
CA SER A 256 -6.46 -9.64 18.22
C SER A 256 -6.67 -8.98 19.57
N LYS A 257 -6.06 -7.83 19.83
CA LYS A 257 -6.15 -7.18 21.14
C LYS A 257 -6.85 -5.84 21.01
N GLN B 3 -48.87 -0.65 4.70
CA GLN B 3 -48.68 0.46 3.72
C GLN B 3 -47.54 0.18 2.71
N ALA B 4 -47.43 1.07 1.71
CA ALA B 4 -46.30 1.12 0.77
C ALA B 4 -45.04 1.21 1.59
N LEU B 5 -43.99 0.45 1.26
CA LEU B 5 -42.84 0.35 2.13
C LEU B 5 -42.25 1.72 2.49
N TRP B 6 -42.19 2.60 1.50
CA TRP B 6 -41.48 3.87 1.64
C TRP B 6 -42.23 4.85 2.59
N THR B 7 -43.47 4.53 2.95
CA THR B 7 -44.25 5.39 3.84
C THR B 7 -44.12 4.92 5.29
N ARG B 8 -43.49 3.77 5.53
CA ARG B 8 -43.34 3.30 6.89
C ARG B 8 -42.15 3.96 7.58
N ASN B 9 -42.10 3.87 8.91
CA ASN B 9 -41.01 4.44 9.68
C ASN B 9 -39.75 3.65 9.44
N LYS B 10 -38.64 4.37 9.33
CA LYS B 10 -37.34 3.77 9.06
C LYS B 10 -36.95 2.81 10.16
N SER B 11 -37.29 3.15 11.41
CA SER B 11 -36.96 2.28 12.54
C SER B 11 -37.66 0.92 12.46
N GLU B 12 -38.77 0.84 11.72
CA GLU B 12 -39.55 -0.40 11.70
C GLU B 12 -39.17 -1.30 10.54
N ILE B 13 -38.59 -0.74 9.49
CA ILE B 13 -38.21 -1.49 8.29
C ILE B 13 -36.85 -2.19 8.47
N THR B 14 -36.83 -3.51 8.29
CA THR B 14 -35.60 -4.25 8.48
C THR B 14 -34.73 -4.14 7.23
N ASP B 15 -33.44 -4.34 7.42
CA ASP B 15 -32.50 -4.42 6.29
C ASP B 15 -32.95 -5.42 5.25
N GLU B 16 -33.43 -6.58 5.68
CA GLU B 16 -33.95 -7.55 4.73
C GLU B 16 -35.06 -7.01 3.89
N GLU B 17 -36.00 -6.29 4.50
CA GLU B 17 -37.09 -5.69 3.75
C GLU B 17 -36.61 -4.67 2.72
N TYR B 18 -35.67 -3.82 3.10
CA TYR B 18 -35.11 -2.84 2.13
C TYR B 18 -34.44 -3.57 0.96
N LYS B 19 -33.70 -4.63 1.24
CA LYS B 19 -33.04 -5.43 0.18
C LYS B 19 -34.07 -6.12 -0.73
N GLU B 20 -35.09 -6.75 -0.18
CA GLU B 20 -36.14 -7.36 -1.02
C GLU B 20 -36.85 -6.33 -1.90
N PHE B 21 -37.16 -5.16 -1.32
CA PHE B 21 -37.86 -4.11 -2.07
C PHE B 21 -37.02 -3.72 -3.30
N TYR B 22 -35.72 -3.59 -3.10
CA TYR B 22 -34.83 -3.29 -4.23
C TYR B 22 -34.95 -4.37 -5.31
N LYS B 23 -34.81 -5.62 -4.90
CA LYS B 23 -34.86 -6.74 -5.86
C LYS B 23 -36.15 -6.71 -6.65
N HIS B 24 -37.25 -6.39 -5.96
CA HIS B 24 -38.56 -6.29 -6.59
C HIS B 24 -38.59 -5.18 -7.63
N ILE B 25 -38.25 -3.95 -7.24
CA ILE B 25 -38.36 -2.82 -8.18
C ILE B 25 -37.29 -2.78 -9.26
N ALA B 26 -36.16 -3.43 -9.04
CA ALA B 26 -35.04 -3.36 -10.00
C ALA B 26 -34.89 -4.63 -10.87
N HIS B 27 -35.65 -5.67 -10.53
CA HIS B 27 -35.53 -6.98 -11.16
C HIS B 27 -34.06 -7.41 -11.17
N ASP B 28 -33.55 -7.63 -9.96
CA ASP B 28 -32.15 -7.94 -9.76
C ASP B 28 -32.20 -8.83 -8.57
N PHE B 29 -31.59 -10.01 -8.64
CA PHE B 29 -31.66 -10.95 -7.52
C PHE B 29 -30.50 -10.82 -6.56
N ASN B 30 -29.57 -9.91 -6.82
CA ASN B 30 -28.50 -9.63 -5.87
C ASN B 30 -28.91 -8.51 -4.89
N ASP B 31 -28.54 -8.62 -3.63
CA ASP B 31 -28.78 -7.54 -2.67
C ASP B 31 -28.07 -6.23 -3.10
N PRO B 32 -28.72 -5.09 -2.84
CA PRO B 32 -28.04 -3.84 -3.12
C PRO B 32 -26.93 -3.62 -2.09
N LEU B 33 -25.96 -2.77 -2.40
CA LEU B 33 -24.89 -2.51 -1.44
C LEU B 33 -25.30 -1.60 -0.31
N THR B 34 -26.12 -0.61 -0.64
CA THR B 34 -26.59 0.34 0.34
C THR B 34 -27.84 1.03 -0.18
N TRP B 35 -28.46 1.81 0.69
CA TRP B 35 -29.66 2.55 0.32
C TRP B 35 -29.80 3.74 1.24
N SER B 36 -30.70 4.64 0.86
CA SER B 36 -31.04 5.78 1.69
C SER B 36 -32.51 6.05 1.51
N HIS B 37 -33.19 6.18 2.64
CA HIS B 37 -34.63 6.40 2.71
C HIS B 37 -34.82 7.67 3.49
N ASN B 38 -35.40 8.68 2.83
CA ASN B 38 -35.48 10.03 3.37
C ASN B 38 -36.82 10.65 3.06
N ARG B 39 -37.33 11.41 4.02
CA ARG B 39 -38.51 12.22 3.84
C ARG B 39 -38.06 13.66 3.86
N VAL B 40 -38.52 14.42 2.87
CA VAL B 40 -38.14 15.81 2.72
C VAL B 40 -39.44 16.66 2.79
N GLU B 41 -39.44 17.70 3.63
CA GLU B 41 -40.62 18.57 3.80
C GLU B 41 -40.27 19.98 3.41
N GLY B 42 -41.29 20.77 3.16
CA GLY B 42 -41.13 22.21 3.02
C GLY B 42 -41.26 22.63 1.57
N LYS B 43 -40.23 23.33 1.09
CA LYS B 43 -40.24 23.92 -0.24
C LYS B 43 -40.55 22.87 -1.33
N GLN B 44 -39.90 21.71 -1.22
CA GLN B 44 -40.33 20.51 -1.91
C GLN B 44 -40.67 19.43 -0.87
N GLU B 45 -41.72 18.67 -1.11
CA GLU B 45 -42.20 17.65 -0.19
C GLU B 45 -42.17 16.35 -0.96
N TYR B 46 -41.37 15.41 -0.51
CA TYR B 46 -41.26 14.10 -1.16
C TYR B 46 -40.60 13.08 -0.26
N THR B 47 -40.78 11.81 -0.64
CA THR B 47 -40.07 10.72 0.01
C THR B 47 -39.21 10.08 -1.10
N SER B 48 -37.95 9.81 -0.78
CA SER B 48 -37.06 9.16 -1.71
C SER B 48 -36.53 7.87 -1.07
N LEU B 49 -36.31 6.87 -1.92
CA LEU B 49 -35.72 5.61 -1.50
C LEU B 49 -34.80 5.19 -2.64
N LEU B 50 -33.50 5.32 -2.40
CA LEU B 50 -32.48 5.20 -3.44
C LEU B 50 -31.52 4.09 -3.08
N TYR B 51 -31.13 3.33 -4.08
CA TYR B 51 -30.26 2.15 -3.92
C TYR B 51 -29.05 2.17 -4.82
N ILE B 52 -27.98 1.59 -4.31
CA ILE B 52 -26.79 1.30 -5.09
C ILE B 52 -26.79 -0.22 -5.34
N PRO B 53 -26.87 -0.66 -6.61
CA PRO B 53 -26.76 -2.10 -6.92
C PRO B 53 -25.39 -2.69 -6.59
N SER B 54 -25.32 -4.01 -6.44
CA SER B 54 -24.04 -4.67 -6.16
C SER B 54 -23.42 -5.10 -7.50
N GLN B 55 -24.19 -5.05 -8.60
CA GLN B 55 -23.69 -5.38 -9.93
C GLN B 55 -24.27 -4.45 -10.99
N ALA B 56 -23.46 -4.11 -11.99
CA ALA B 56 -23.91 -3.23 -13.06
C ALA B 56 -24.98 -3.93 -13.84
N PRO B 57 -26.05 -3.21 -14.23
CA PRO B 57 -27.05 -3.89 -15.05
C PRO B 57 -26.52 -4.15 -16.45
N TRP B 58 -27.12 -5.14 -17.10
CA TRP B 58 -26.61 -5.62 -18.38
C TRP B 58 -26.59 -4.54 -19.46
N ASP B 59 -27.49 -3.56 -19.36
CA ASP B 59 -27.65 -2.57 -20.40
C ASP B 59 -27.06 -1.19 -20.05
N MET B 60 -26.26 -1.12 -19.01
CA MET B 60 -25.72 0.15 -18.53
C MET B 60 -24.97 0.94 -19.58
N TRP B 61 -24.27 0.24 -20.48
CA TRP B 61 -23.46 0.91 -21.50
C TRP B 61 -24.18 1.02 -22.83
N ASN B 62 -25.48 0.70 -22.86
CA ASN B 62 -26.26 0.71 -24.09
C ASN B 62 -26.92 2.04 -24.27
N ARG B 63 -26.81 2.54 -25.51
CA ARG B 63 -27.56 3.70 -25.97
C ARG B 63 -29.05 3.52 -25.62
N ASP B 64 -29.70 4.58 -25.14
CA ASP B 64 -31.17 4.61 -24.95
C ASP B 64 -31.83 3.55 -24.06
N HIS B 65 -31.02 2.73 -23.36
CA HIS B 65 -31.54 1.76 -22.41
C HIS B 65 -32.37 2.44 -21.31
N LYS B 66 -33.42 1.73 -20.84
CA LYS B 66 -34.32 2.27 -19.83
C LYS B 66 -33.69 2.18 -18.43
N HIS B 67 -33.66 3.33 -17.76
CA HIS B 67 -33.15 3.41 -16.43
C HIS B 67 -33.84 4.59 -15.76
N GLY B 68 -33.53 4.76 -14.49
CA GLY B 68 -34.10 5.83 -13.68
C GLY B 68 -34.88 5.27 -12.50
N LEU B 69 -35.67 6.15 -11.89
CA LEU B 69 -36.43 5.87 -10.68
C LEU B 69 -37.90 5.61 -10.99
N LYS B 70 -38.57 4.96 -10.05
CA LYS B 70 -40.00 4.75 -10.14
C LYS B 70 -40.63 6.02 -9.57
N LEU B 71 -41.51 6.66 -10.32
CA LEU B 71 -42.14 7.92 -9.89
C LEU B 71 -43.59 7.74 -9.41
N TYR B 72 -43.85 8.21 -8.18
CA TYR B 72 -45.17 8.35 -7.63
C TYR B 72 -45.46 9.84 -7.37
N VAL B 73 -46.71 10.24 -7.55
CA VAL B 73 -47.20 11.53 -7.09
C VAL B 73 -48.36 11.27 -6.12
N GLN B 74 -48.23 11.78 -4.91
CA GLN B 74 -49.20 11.59 -3.84
C GLN B 74 -49.56 10.12 -3.67
N ARG B 75 -48.55 9.27 -3.70
CA ARG B 75 -48.70 7.83 -3.50
C ARG B 75 -49.38 7.12 -4.68
N VAL B 76 -49.59 7.83 -5.78
CA VAL B 76 -50.11 7.25 -7.03
C VAL B 76 -49.00 6.97 -8.04
N PHE B 77 -48.92 5.71 -8.49
CA PHE B 77 -47.88 5.34 -9.46
C PHE B 77 -48.07 6.09 -10.77
N ILE B 78 -47.01 6.73 -11.26
CA ILE B 78 -47.08 7.51 -12.49
C ILE B 78 -46.34 6.78 -13.59
N MET B 79 -45.06 6.47 -13.34
CA MET B 79 -44.25 5.80 -14.33
C MET B 79 -42.99 5.18 -13.70
N ASP B 80 -42.49 4.15 -14.36
CA ASP B 80 -41.18 3.55 -13.99
C ASP B 80 -40.08 4.09 -14.95
N ASP B 81 -38.82 3.84 -14.63
CA ASP B 81 -37.70 4.28 -15.46
C ASP B 81 -37.72 5.76 -15.82
N ALA B 82 -38.00 6.60 -14.81
CA ALA B 82 -38.02 8.05 -14.98
C ALA B 82 -36.58 8.58 -14.89
N GLU B 83 -35.99 8.98 -16.00
CA GLU B 83 -34.53 9.25 -16.02
C GLU B 83 -34.21 10.71 -15.68
N GLN B 84 -35.24 11.54 -15.50
CA GLN B 84 -35.00 12.96 -15.27
C GLN B 84 -34.56 13.27 -13.85
N PHE B 85 -34.53 12.27 -12.98
CA PHE B 85 -34.19 12.53 -11.54
C PHE B 85 -32.73 12.30 -11.13
N MET B 86 -31.91 11.87 -12.07
CA MET B 86 -30.52 11.57 -11.82
C MET B 86 -29.70 12.09 -12.99
N PRO B 87 -28.49 12.57 -12.71
CA PRO B 87 -27.58 12.86 -13.80
C PRO B 87 -27.06 11.59 -14.43
N ASN B 88 -26.54 11.72 -15.66
CA ASN B 88 -26.07 10.54 -16.40
C ASN B 88 -24.99 9.76 -15.66
N TYR B 89 -24.06 10.42 -14.96
CA TYR B 89 -23.00 9.72 -14.20
C TYR B 89 -23.55 8.94 -12.97
N LEU B 90 -24.83 9.09 -12.68
CA LEU B 90 -25.50 8.28 -11.64
C LEU B 90 -26.62 7.41 -12.20
N ARG B 91 -26.48 7.01 -13.47
CA ARG B 91 -27.56 6.29 -14.17
C ARG B 91 -27.78 4.86 -13.65
N PHE B 92 -26.90 4.40 -12.79
CA PHE B 92 -27.00 3.08 -12.20
C PHE B 92 -27.85 3.08 -10.92
N VAL B 93 -28.18 4.26 -10.40
CA VAL B 93 -28.98 4.36 -9.19
C VAL B 93 -30.40 3.84 -9.48
N ARG B 94 -30.93 3.08 -8.54
CA ARG B 94 -32.31 2.60 -8.65
C ARG B 94 -33.12 3.03 -7.45
N GLY B 95 -34.43 3.06 -7.59
CA GLY B 95 -35.25 3.41 -6.45
C GLY B 95 -36.51 4.13 -6.83
N LEU B 96 -36.98 4.96 -5.92
CA LEU B 96 -38.28 5.60 -6.08
C LEU B 96 -38.34 7.00 -5.47
N ILE B 97 -39.17 7.81 -6.09
CA ILE B 97 -39.44 9.15 -5.65
C ILE B 97 -40.97 9.30 -5.57
N ASP B 98 -41.48 9.65 -4.40
CA ASP B 98 -42.91 9.91 -4.22
C ASP B 98 -43.06 11.40 -3.89
N SER B 99 -43.49 12.18 -4.88
CA SER B 99 -43.42 13.63 -4.88
C SER B 99 -44.78 14.22 -4.63
N SER B 100 -44.87 15.25 -3.79
CA SER B 100 -46.11 16.03 -3.69
C SER B 100 -46.11 17.23 -4.64
N ASP B 101 -44.96 17.61 -5.19
CA ASP B 101 -44.89 18.88 -5.91
C ASP B 101 -45.05 18.79 -7.44
N LEU B 102 -44.93 17.59 -8.02
CA LEU B 102 -45.24 17.43 -9.44
C LEU B 102 -46.75 17.21 -9.58
N PRO B 103 -47.34 17.62 -10.72
CA PRO B 103 -48.77 17.33 -10.97
C PRO B 103 -49.06 15.87 -11.29
N LEU B 104 -50.31 15.46 -11.09
CA LEU B 104 -50.76 14.08 -11.39
C LEU B 104 -50.77 13.75 -12.88
N ASN B 105 -50.83 14.76 -13.74
CA ASN B 105 -50.80 14.57 -15.19
C ASN B 105 -49.40 14.77 -15.79
N VAL B 106 -48.36 14.73 -14.95
CA VAL B 106 -46.98 14.90 -15.41
C VAL B 106 -46.60 13.89 -16.49
N SER B 107 -45.80 14.34 -17.46
CA SER B 107 -45.30 13.49 -18.55
C SER B 107 -43.78 13.58 -18.62
N ARG B 108 -43.18 12.73 -19.46
CA ARG B 108 -41.72 12.73 -19.65
C ARG B 108 -41.24 14.02 -20.31
N GLU B 109 -42.11 14.59 -21.15
CA GLU B 109 -41.85 15.90 -21.78
C GLU B 109 -41.80 17.03 -20.74
N ILE B 110 -42.80 17.06 -19.86
CA ILE B 110 -42.88 18.10 -18.84
C ILE B 110 -41.70 17.94 -17.87
N LEU B 111 -41.49 16.71 -17.40
CA LEU B 111 -40.33 16.37 -16.56
C LEU B 111 -39.01 16.88 -17.14
N GLN B 112 -38.83 16.69 -18.44
CA GLN B 112 -37.60 17.11 -19.09
C GLN B 112 -37.25 18.57 -18.82
N ASP B 113 -38.26 19.44 -18.80
CA ASP B 113 -38.03 20.88 -18.67
C ASP B 113 -38.89 21.55 -17.61
N SER B 114 -38.84 21.03 -16.38
CA SER B 114 -39.39 21.77 -15.24
C SER B 114 -38.28 22.12 -14.24
N THR B 115 -38.40 23.31 -13.68
CA THR B 115 -37.52 23.82 -12.64
C THR B 115 -37.60 22.98 -11.38
N VAL B 116 -38.81 22.56 -11.02
CA VAL B 116 -39.00 21.65 -9.87
C VAL B 116 -38.21 20.34 -10.06
N THR B 117 -38.28 19.77 -11.26
CA THR B 117 -37.53 18.53 -11.59
C THR B 117 -36.01 18.73 -11.50
N ARG B 118 -35.54 19.85 -12.03
CA ARG B 118 -34.12 20.12 -11.99
C ARG B 118 -33.62 20.30 -10.52
N ASN B 119 -34.40 21.00 -9.70
CA ASN B 119 -34.04 21.14 -8.28
C ASN B 119 -34.10 19.78 -7.53
N LEU B 120 -35.07 18.95 -7.87
CA LEU B 120 -35.22 17.64 -7.28
C LEU B 120 -34.05 16.75 -7.67
N ARG B 121 -33.74 16.72 -8.96
CA ARG B 121 -32.58 15.98 -9.46
C ARG B 121 -31.30 16.37 -8.72
N ASN B 122 -31.09 17.68 -8.52
CA ASN B 122 -29.91 18.12 -7.82
C ASN B 122 -29.85 17.68 -6.36
N ALA B 123 -30.99 17.73 -5.68
CA ALA B 123 -31.07 17.30 -4.30
C ALA B 123 -30.88 15.77 -4.18
N LEU B 124 -31.51 15.00 -5.08
CA LEU B 124 -31.34 13.57 -5.05
C LEU B 124 -29.86 13.19 -5.39
N THR B 125 -29.22 13.95 -6.30
CA THR B 125 -27.78 13.76 -6.57
C THR B 125 -26.95 13.89 -5.28
N LYS B 126 -27.23 14.91 -4.47
CA LYS B 126 -26.50 15.11 -3.21
C LYS B 126 -26.76 13.96 -2.26
N ARG B 127 -27.98 13.42 -2.29
CA ARG B 127 -28.32 12.29 -1.41
C ARG B 127 -27.52 11.05 -1.81
N VAL B 128 -27.46 10.78 -3.10
CA VAL B 128 -26.66 9.67 -3.60
C VAL B 128 -25.19 9.85 -3.21
N LEU B 129 -24.62 11.02 -3.42
CA LEU B 129 -23.20 11.21 -3.08
C LEU B 129 -22.95 11.06 -1.57
N GLN B 130 -23.93 11.49 -0.77
CA GLN B 130 -23.92 11.28 0.69
C GLN B 130 -23.93 9.80 1.06
N MET B 131 -24.82 9.05 0.42
CA MET B 131 -24.93 7.59 0.59
C MET B 131 -23.65 6.84 0.20
N LEU B 132 -23.02 7.24 -0.91
CA LEU B 132 -21.79 6.64 -1.36
C LEU B 132 -20.62 6.99 -0.44
N GLU B 133 -20.57 8.24 0.05
CA GLU B 133 -19.54 8.60 1.03
C GLU B 133 -19.69 7.81 2.31
N LYS B 134 -20.92 7.54 2.75
CA LYS B 134 -21.14 6.76 3.98
C LYS B 134 -20.65 5.32 3.78
N LEU B 135 -20.94 4.75 2.60
CA LEU B 135 -20.48 3.42 2.24
C LEU B 135 -18.95 3.33 2.25
N ALA B 136 -18.31 4.33 1.65
CA ALA B 136 -16.86 4.40 1.58
C ALA B 136 -16.23 4.38 2.96
N LYS B 137 -16.88 5.09 3.88
CA LYS B 137 -16.41 5.17 5.27
C LYS B 137 -16.72 3.93 6.09
N ASP B 138 -17.91 3.35 5.90
CA ASP B 138 -18.37 2.25 6.75
C ASP B 138 -17.84 0.88 6.32
N ASP B 139 -17.69 0.65 5.01
CA ASP B 139 -17.34 -0.68 4.51
C ASP B 139 -16.57 -0.58 3.21
N ALA B 140 -15.26 -0.40 3.32
CA ALA B 140 -14.34 -0.32 2.17
C ALA B 140 -14.42 -1.51 1.21
N GLU B 141 -14.66 -2.70 1.75
CA GLU B 141 -14.88 -3.87 0.93
C GLU B 141 -16.11 -3.73 0.00
N LYS B 142 -17.25 -3.31 0.55
CA LYS B 142 -18.44 -3.11 -0.29
C LYS B 142 -18.19 -1.90 -1.20
N TYR B 143 -17.52 -0.88 -0.68
CA TYR B 143 -17.16 0.26 -1.52
C TYR B 143 -16.30 -0.21 -2.73
N GLN B 144 -15.39 -1.14 -2.52
CA GLN B 144 -14.57 -1.63 -3.65
C GLN B 144 -15.40 -2.39 -4.68
N THR B 145 -16.41 -3.13 -4.22
CA THR B 145 -17.37 -3.74 -5.13
C THR B 145 -18.09 -2.67 -5.97
N PHE B 146 -18.59 -1.62 -5.31
CA PHE B 146 -19.21 -0.51 -6.01
C PHE B 146 -18.22 0.08 -7.06
N TRP B 147 -17.00 0.34 -6.63
CA TRP B 147 -16.01 0.93 -7.52
C TRP B 147 -15.69 0.04 -8.77
N GLN B 148 -15.50 -1.24 -8.52
CA GLN B 148 -15.30 -2.22 -9.61
C GLN B 148 -16.44 -2.23 -10.65
N GLN B 149 -17.67 -2.09 -10.18
CA GLN B 149 -18.82 -2.10 -11.06
C GLN B 149 -19.10 -0.76 -11.72
N PHE B 150 -18.93 0.34 -10.98
CA PHE B 150 -19.45 1.63 -11.41
C PHE B 150 -18.44 2.77 -11.52
N GLY B 151 -17.18 2.50 -11.19
CA GLY B 151 -16.12 3.53 -11.20
C GLY B 151 -15.98 4.25 -12.53
N LEU B 152 -16.06 3.52 -13.64
CA LEU B 152 -15.94 4.16 -14.94
C LEU B 152 -17.08 5.12 -15.20
N VAL B 153 -18.26 4.80 -14.67
CA VAL B 153 -19.41 5.69 -14.79
C VAL B 153 -19.28 6.95 -13.92
N LEU B 154 -18.85 6.80 -12.67
CA LEU B 154 -18.66 7.93 -11.76
C LEU B 154 -17.60 8.92 -12.27
N LYS B 155 -16.60 8.41 -12.98
CA LYS B 155 -15.56 9.23 -13.60
C LYS B 155 -16.08 10.15 -14.72
N GLU B 156 -17.30 9.93 -15.20
CA GLU B 156 -17.98 10.91 -16.09
C GLU B 156 -18.41 12.16 -15.30
N GLY B 157 -18.43 12.05 -13.98
CA GLY B 157 -18.99 13.07 -13.09
C GLY B 157 -18.24 14.41 -13.08
N PRO B 158 -16.91 14.38 -12.90
CA PRO B 158 -16.17 15.64 -12.94
C PRO B 158 -16.52 16.54 -14.11
N ALA B 159 -16.69 16.00 -15.31
CA ALA B 159 -17.08 16.81 -16.47
C ALA B 159 -18.53 17.26 -16.45
N GLU B 160 -19.42 16.47 -15.84
CA GLU B 160 -20.86 16.69 -15.93
C GLU B 160 -21.36 17.55 -14.78
N ASP B 161 -20.65 17.55 -13.65
CA ASP B 161 -21.17 18.11 -12.40
C ASP B 161 -20.15 18.93 -11.61
N PHE B 162 -20.05 20.21 -11.92
CA PHE B 162 -19.05 21.06 -11.26
C PHE B 162 -19.42 21.35 -9.79
N ALA B 163 -20.72 21.55 -9.54
CA ALA B 163 -21.23 21.86 -8.22
C ALA B 163 -20.85 20.77 -7.18
N ASN B 164 -20.85 19.52 -7.60
CA ASN B 164 -20.51 18.43 -6.70
C ASN B 164 -19.09 17.87 -6.90
N GLN B 165 -18.20 18.62 -7.53
CA GLN B 165 -16.88 18.10 -7.83
C GLN B 165 -16.08 17.62 -6.62
N GLU B 166 -16.10 18.32 -5.48
CA GLU B 166 -15.37 17.84 -4.29
C GLU B 166 -15.89 16.49 -3.80
N ALA B 167 -17.21 16.37 -3.67
CA ALA B 167 -17.77 15.10 -3.20
C ALA B 167 -17.51 13.99 -4.21
N ILE B 168 -17.62 14.28 -5.51
CA ILE B 168 -17.33 13.25 -6.53
C ILE B 168 -15.85 12.85 -6.47
N ALA B 169 -14.98 13.85 -6.39
CA ALA B 169 -13.54 13.60 -6.29
C ALA B 169 -13.15 12.69 -5.13
N LYS B 170 -13.79 12.86 -3.97
CA LYS B 170 -13.58 12.05 -2.76
C LYS B 170 -14.01 10.58 -2.94
N LEU B 171 -14.89 10.33 -3.89
CA LEU B 171 -15.35 8.97 -4.21
C LEU B 171 -14.50 8.19 -5.22
N LEU B 172 -13.65 8.90 -5.97
CA LEU B 172 -12.78 8.29 -6.92
C LEU B 172 -11.69 7.42 -6.27
N ARG B 173 -11.28 6.37 -6.96
CA ARG B 173 -10.28 5.44 -6.45
C ARG B 173 -9.33 5.15 -7.56
N PHE B 174 -8.06 4.96 -7.21
CA PHE B 174 -6.98 4.83 -8.17
C PHE B 174 -5.99 3.74 -7.76
N ALA B 175 -5.33 3.18 -8.76
CA ALA B 175 -4.08 2.47 -8.56
C ALA B 175 -2.99 3.51 -8.38
N SER B 176 -1.92 3.16 -7.66
CA SER B 176 -0.78 4.09 -7.50
C SER B 176 0.54 3.34 -7.45
N THR B 177 1.63 4.08 -7.52
CA THR B 177 2.96 3.48 -7.38
C THR B 177 3.20 2.88 -6.00
N HIS B 178 2.37 3.22 -5.03
CA HIS B 178 2.51 2.67 -3.66
C HIS B 178 1.71 1.39 -3.46
N THR B 179 0.89 1.00 -4.42
CA THR B 179 0.10 -0.23 -4.30
C THR B 179 0.77 -1.28 -5.20
N ASP B 180 0.44 -2.54 -5.03
CA ASP B 180 1.18 -3.59 -5.71
C ASP B 180 0.45 -4.22 -6.87
N SER B 181 -0.67 -3.64 -7.30
CA SER B 181 -1.48 -4.24 -8.34
C SER B 181 -2.31 -3.21 -9.03
N SER B 182 -2.96 -3.60 -10.12
CA SER B 182 -3.86 -2.69 -10.82
C SER B 182 -5.15 -2.38 -10.05
N ALA B 183 -5.39 -3.03 -8.90
CA ALA B 183 -6.64 -2.78 -8.13
C ALA B 183 -6.66 -1.29 -7.77
N GLN B 184 -7.83 -0.67 -7.86
CA GLN B 184 -7.91 0.79 -7.70
C GLN B 184 -8.44 1.05 -6.31
N THR B 185 -7.53 1.22 -5.34
CA THR B 185 -7.91 1.30 -3.92
C THR B 185 -7.49 2.58 -3.22
N VAL B 186 -6.77 3.45 -3.92
CA VAL B 186 -6.26 4.69 -3.34
C VAL B 186 -7.27 5.83 -3.50
N SER B 187 -7.62 6.45 -2.38
CA SER B 187 -8.45 7.65 -2.41
C SER B 187 -7.56 8.91 -2.46
N LEU B 188 -8.07 10.00 -3.03
CA LEU B 188 -7.36 11.26 -3.03
C LEU B 188 -7.08 11.77 -1.61
N GLU B 189 -7.98 11.54 -0.66
CA GLU B 189 -7.71 11.87 0.76
C GLU B 189 -6.54 11.05 1.34
N ASP B 190 -6.45 9.77 0.97
CA ASP B 190 -5.29 8.90 1.29
C ASP B 190 -4.01 9.51 0.71
N TYR B 191 -4.07 9.84 -0.58
CA TYR B 191 -2.91 10.38 -1.28
C TYR B 191 -2.41 11.65 -0.58
N VAL B 192 -3.33 12.57 -0.34
CA VAL B 192 -3.00 13.83 0.31
C VAL B 192 -2.38 13.62 1.70
N SER B 193 -2.96 12.71 2.47
CA SER B 193 -2.48 12.44 3.81
C SER B 193 -1.05 11.93 3.90
N ARG B 194 -0.50 11.39 2.81
CA ARG B 194 0.86 10.90 2.84
C ARG B 194 1.84 11.62 1.90
N MET B 195 1.46 12.81 1.43
CA MET B 195 2.31 13.63 0.58
C MET B 195 3.61 13.99 1.32
N LYS B 196 4.71 14.08 0.59
CA LYS B 196 6.02 14.35 1.19
C LYS B 196 6.16 15.83 1.55
N GLU B 197 7.00 16.14 2.53
CA GLU B 197 7.30 17.53 2.85
C GLU B 197 7.75 18.23 1.59
N GLY B 198 7.19 19.39 1.31
CA GLY B 198 7.54 20.16 0.10
C GLY B 198 6.76 19.76 -1.14
N GLN B 199 6.01 18.65 -1.07
CA GLN B 199 5.27 18.22 -2.24
C GLN B 199 4.03 19.10 -2.37
N GLU B 200 3.90 19.77 -3.51
CA GLU B 200 2.80 20.71 -3.72
C GLU B 200 1.74 20.25 -4.75
N LYS B 201 1.97 19.13 -5.42
CA LYS B 201 1.00 18.65 -6.43
C LYS B 201 0.69 17.17 -6.24
N ILE B 202 -0.43 16.75 -6.81
CA ILE B 202 -0.82 15.34 -6.90
C ILE B 202 -0.39 14.83 -8.25
N TYR B 203 0.57 13.90 -8.25
CA TYR B 203 1.15 13.43 -9.48
C TYR B 203 0.44 12.22 -10.02
N TYR B 204 0.31 12.18 -11.34
CA TYR B 204 -0.31 11.08 -12.02
C TYR B 204 0.37 10.83 -13.33
N ILE B 205 0.10 9.66 -13.90
CA ILE B 205 0.45 9.37 -15.29
C ILE B 205 -0.73 8.69 -15.94
N THR B 206 -0.97 9.00 -17.22
CA THR B 206 -2.00 8.30 -17.96
C THR B 206 -1.29 7.43 -19.00
N ALA B 207 -1.82 6.24 -19.23
CA ALA B 207 -1.27 5.31 -20.22
C ALA B 207 -2.37 4.41 -20.71
N ASP B 208 -2.06 3.62 -21.74
CA ASP B 208 -3.06 2.76 -22.34
C ASP B 208 -3.35 1.55 -21.45
N SER B 209 -2.42 1.23 -20.55
CA SER B 209 -2.54 0.06 -19.66
C SER B 209 -1.86 0.29 -18.34
N TYR B 210 -2.28 -0.47 -17.33
CA TYR B 210 -1.62 -0.45 -16.04
C TYR B 210 -0.13 -0.76 -16.18
N ALA B 211 0.24 -1.79 -16.94
CA ALA B 211 1.65 -2.17 -17.09
C ALA B 211 2.48 -1.08 -17.75
N ALA B 212 1.92 -0.44 -18.76
CA ALA B 212 2.58 0.70 -19.39
C ALA B 212 2.68 1.89 -18.46
N ALA B 213 1.61 2.15 -17.70
CA ALA B 213 1.68 3.18 -16.67
C ALA B 213 2.84 2.89 -15.72
N LYS B 214 2.84 1.66 -15.20
CA LYS B 214 3.78 1.21 -14.17
C LYS B 214 5.24 1.32 -14.62
N SER B 215 5.50 1.04 -15.90
CA SER B 215 6.86 0.95 -16.42
C SER B 215 7.42 2.25 -17.01
N SER B 216 6.64 3.33 -16.98
CA SER B 216 7.07 4.59 -17.56
C SER B 216 8.40 5.08 -16.99
N PRO B 217 9.37 5.39 -17.85
CA PRO B 217 10.57 6.06 -17.35
C PRO B 217 10.32 7.40 -16.63
N HIS B 218 9.17 8.05 -16.86
CA HIS B 218 8.85 9.30 -16.14
C HIS B 218 8.58 9.11 -14.64
N LEU B 219 8.38 7.86 -14.23
CA LEU B 219 8.15 7.56 -12.81
C LEU B 219 9.43 7.46 -11.97
N GLU B 220 10.58 7.36 -12.62
CA GLU B 220 11.85 7.13 -11.92
C GLU B 220 12.19 8.26 -10.95
N LEU B 221 12.09 9.50 -11.40
CA LEU B 221 12.33 10.65 -10.50
C LEU B 221 11.51 10.56 -9.21
N LEU B 222 10.21 10.33 -9.38
CA LEU B 222 9.28 10.29 -8.25
C LEU B 222 9.56 9.12 -7.31
N ARG B 223 9.83 7.95 -7.88
CA ARG B 223 10.21 6.75 -7.10
C ARG B 223 11.41 7.06 -6.19
N LYS B 224 12.43 7.73 -6.72
CA LYS B 224 13.62 8.06 -5.92
C LYS B 224 13.37 9.12 -4.85
N LYS B 225 12.40 10.00 -5.07
CA LYS B 225 12.01 10.99 -4.05
C LYS B 225 10.96 10.46 -3.06
N GLY B 226 10.49 9.23 -3.25
CA GLY B 226 9.45 8.65 -2.41
C GLY B 226 8.08 9.28 -2.60
N ILE B 227 7.84 9.86 -3.77
CA ILE B 227 6.60 10.57 -4.03
C ILE B 227 5.66 9.65 -4.81
N GLU B 228 4.42 9.59 -4.35
CA GLU B 228 3.40 8.71 -4.92
C GLU B 228 2.93 9.23 -6.28
N VAL B 229 2.68 8.33 -7.21
CA VAL B 229 2.08 8.67 -8.48
C VAL B 229 0.84 7.81 -8.74
N LEU B 230 -0.28 8.46 -9.05
CA LEU B 230 -1.49 7.76 -9.47
C LEU B 230 -1.33 7.19 -10.87
N LEU B 231 -1.80 5.96 -11.05
CA LEU B 231 -1.60 5.24 -12.30
C LEU B 231 -2.95 5.10 -12.99
N LEU B 232 -3.16 5.96 -13.97
CA LEU B 232 -4.45 6.07 -14.65
C LEU B 232 -4.35 5.37 -15.99
N SER B 233 -5.19 4.38 -16.20
CA SER B 233 -5.12 3.60 -17.45
C SER B 233 -6.49 3.27 -18.04
N ASP B 234 -7.52 3.99 -17.62
CA ASP B 234 -8.85 3.87 -18.20
C ASP B 234 -9.02 4.96 -19.28
N ARG B 235 -9.75 4.62 -20.33
CA ARG B 235 -9.95 5.52 -21.47
C ARG B 235 -10.47 6.88 -21.03
N ILE B 236 -11.45 6.85 -20.15
CA ILE B 236 -12.08 8.06 -19.68
C ILE B 236 -11.13 8.97 -18.89
N ASP B 237 -10.00 8.44 -18.40
CA ASP B 237 -9.11 9.25 -17.58
C ASP B 237 -8.54 10.46 -18.31
N GLU B 238 -8.12 10.28 -19.57
CA GLU B 238 -7.52 11.34 -20.40
C GLU B 238 -8.45 12.54 -20.52
N TRP B 239 -9.75 12.23 -20.51
CA TRP B 239 -10.79 13.22 -20.60
C TRP B 239 -11.16 13.80 -19.23
N MET B 240 -11.29 12.94 -18.23
CA MET B 240 -11.64 13.39 -16.89
C MET B 240 -10.63 14.42 -16.35
N MET B 241 -9.36 14.25 -16.68
CA MET B 241 -8.32 15.14 -16.12
C MET B 241 -8.35 16.57 -16.69
N ASN B 242 -9.20 16.82 -17.70
CA ASN B 242 -9.53 18.17 -18.14
C ASN B 242 -10.37 18.92 -17.14
N TYR B 243 -11.10 18.18 -16.31
CA TYR B 243 -12.05 18.76 -15.37
C TYR B 243 -11.63 18.60 -13.93
N LEU B 244 -10.98 17.50 -13.59
CA LEU B 244 -10.47 17.29 -12.25
C LEU B 244 -9.05 17.83 -12.26
N THR B 245 -8.88 19.11 -11.94
CA THR B 245 -7.55 19.74 -12.07
C THR B 245 -6.90 20.10 -10.73
N GLU B 246 -7.69 20.02 -9.65
CA GLU B 246 -7.23 20.33 -8.31
C GLU B 246 -8.03 19.53 -7.28
N PHE B 247 -7.40 19.14 -6.17
CA PHE B 247 -8.09 18.52 -5.04
C PHE B 247 -7.44 19.00 -3.75
N ASP B 248 -8.28 19.37 -2.77
CA ASP B 248 -7.82 19.93 -1.48
C ASP B 248 -6.69 20.96 -1.63
N GLY B 249 -6.82 21.81 -2.65
CA GLY B 249 -5.84 22.85 -2.89
C GLY B 249 -4.57 22.42 -3.58
N LYS B 250 -4.46 21.15 -3.93
CA LYS B 250 -3.31 20.62 -4.67
C LYS B 250 -3.67 20.44 -6.15
N PRO B 251 -2.99 21.15 -7.07
CA PRO B 251 -3.12 20.85 -8.50
C PRO B 251 -2.69 19.41 -8.83
N PHE B 252 -3.34 18.82 -9.81
CA PHE B 252 -2.82 17.61 -10.43
C PHE B 252 -1.74 17.93 -11.45
N GLN B 253 -0.73 17.09 -11.52
CA GLN B 253 0.34 17.25 -12.51
C GLN B 253 0.70 15.92 -13.16
N SER B 254 0.64 15.89 -14.49
CA SER B 254 1.13 14.76 -15.26
C SER B 254 2.66 14.68 -15.13
N VAL B 255 3.16 13.49 -14.79
CA VAL B 255 4.61 13.27 -14.73
C VAL B 255 5.25 13.16 -16.14
N SER B 256 4.43 13.05 -17.18
CA SER B 256 4.88 13.00 -18.58
C SER B 256 5.25 14.35 -19.16
N LYS B 257 4.85 15.40 -18.45
CA LYS B 257 5.14 16.77 -18.85
C LYS B 257 5.96 17.39 -17.77
N VAL B 258 7.17 17.81 -18.11
CA VAL B 258 8.00 18.47 -17.14
C VAL B 258 7.40 19.83 -16.83
N ASP B 259 7.22 20.10 -15.54
CA ASP B 259 6.81 21.39 -15.06
C ASP B 259 7.82 21.88 -14.03
N GLU B 260 7.59 23.09 -13.52
CA GLU B 260 8.40 23.68 -12.45
C GLU B 260 8.62 22.75 -11.26
N SER B 261 7.55 22.16 -10.74
CA SER B 261 7.65 21.32 -9.55
C SER B 261 8.57 20.13 -9.79
N LEU B 262 8.49 19.51 -10.97
CA LEU B 262 9.28 18.33 -11.30
C LEU B 262 10.71 18.72 -11.66
N GLU B 263 10.85 19.79 -12.45
CA GLU B 263 12.17 20.39 -12.69
C GLU B 263 12.95 20.56 -11.38
N LYS B 264 12.35 21.16 -10.35
CA LYS B 264 13.07 21.36 -9.08
C LYS B 264 13.22 20.10 -8.22
N LEU B 265 12.42 19.06 -8.49
CA LEU B 265 12.65 17.76 -7.87
C LEU B 265 13.90 17.09 -8.41
N ALA B 266 14.19 17.30 -9.70
CA ALA B 266 15.37 16.70 -10.34
C ALA B 266 16.65 17.46 -9.96
#